data_3HJ8
#
_entry.id   3HJ8
#
_cell.length_a   89.572
_cell.length_b   37.501
_cell.length_c   74.917
_cell.angle_alpha   90.00
_cell.angle_beta   95.03
_cell.angle_gamma   90.00
#
_symmetry.space_group_name_H-M   'C 1 2 1'
#
loop_
_entity.id
_entity.type
_entity.pdbx_description
1 polymer 'Catechol 1,2-dioxygenase'
2 non-polymer 'FE (III) ION'
3 non-polymer 4-CHLOROBENZENE-1,2-DIOL
4 non-polymer '(4S,7R)-4-HYDROXY-N,N,N-TRIMETHYL-9-OXO-7-[(PALMITOYLOXY)METHYL]-3,5,8-TRIOXA-4-PHOSPHAHEXACOSAN-1-AMINIUM 4-OXIDE'
5 water water
#
_entity_poly.entity_id   1
_entity_poly.type   'polypeptide(L)'
_entity_poly.pdbx_seq_one_letter_code
;MTTTESPTAAGSGSAATDKFKAERATADTSPERLAAIAKDALGALNDVILKHGVTYPEYRVFKQWLIDVGEGGEWPLFLD
VFIEHSVEEVLARSRKGTMGSIEGPYYIENSPELPSKCTLPMREEDEKITPLVFSGQVTDLDGNGLAGAKVELWHADNDG
YYSQFAPHLPEWNLRGTIIADEEGRYEITTIQPAPYQIPTDGPTGQFIEAQNGHPWRPAHLHLIVSAPGKESVTTQLYFK
GGEWIDSDVASATKPELILDPKTGDDGKNYVTYNFVLDPA
;
_entity_poly.pdbx_strand_id   A
#
loop_
_chem_comp.id
_chem_comp.type
_chem_comp.name
_chem_comp.formula
4CL non-polymer 4-CHLOROBENZENE-1,2-DIOL 'C6 H5 Cl O2'
6PL non-polymer '(4S,7R)-4-HYDROXY-N,N,N-TRIMETHYL-9-OXO-7-[(PALMITOYLOXY)METHYL]-3,5,8-TRIOXA-4-PHOSPHAHEXACOSAN-1-AMINIUM 4-OXIDE' 'C42 H85 N O8 P 1'
FE non-polymer 'FE (III) ION' 'Fe 3'
#
# COMPACT_ATOMS: atom_id res chain seq x y z
N ARG A 24 6.93 -19.22 7.55
CA ARG A 24 7.86 -20.12 6.79
C ARG A 24 7.62 -20.06 5.28
N ALA A 25 8.08 -18.96 4.66
CA ALA A 25 7.76 -18.60 3.27
C ALA A 25 8.57 -19.35 2.20
N THR A 26 7.86 -19.85 1.19
CA THR A 26 8.45 -20.64 0.08
C THR A 26 7.87 -20.26 -1.30
N ALA A 27 8.61 -20.60 -2.34
CA ALA A 27 8.17 -20.46 -3.72
C ALA A 27 8.66 -21.67 -4.52
N ASP A 28 7.96 -22.02 -5.59
CA ASP A 28 8.45 -23.10 -6.45
C ASP A 28 9.23 -22.56 -7.66
N THR A 29 10.44 -22.10 -7.38
CA THR A 29 11.37 -21.60 -8.39
C THR A 29 12.42 -22.67 -8.64
N SER A 30 12.54 -23.10 -9.89
CA SER A 30 13.53 -24.10 -10.26
C SER A 30 14.91 -23.47 -10.13
N PRO A 31 15.94 -24.26 -9.81
CA PRO A 31 17.32 -23.75 -9.80
C PRO A 31 17.71 -23.00 -11.08
N GLU A 32 17.22 -23.47 -12.23
CA GLU A 32 17.45 -22.85 -13.54
C GLU A 32 16.97 -21.41 -13.58
N ARG A 33 15.77 -21.18 -13.06
CA ARG A 33 15.20 -19.83 -13.01
C ARG A 33 16.00 -18.92 -12.08
N LEU A 34 16.25 -19.38 -10.84
CA LEU A 34 16.99 -18.59 -9.85
C LEU A 34 18.37 -18.20 -10.36
N ALA A 35 19.06 -19.17 -10.99
CA ALA A 35 20.37 -18.95 -11.59
C ALA A 35 20.32 -17.85 -12.62
N ALA A 36 19.27 -17.82 -13.42
CA ALA A 36 19.14 -16.80 -14.45
C ALA A 36 18.86 -15.45 -13.82
N ILE A 37 17.98 -15.42 -12.81
CA ILE A 37 17.67 -14.21 -12.06
C ILE A 37 18.92 -13.69 -11.34
N ALA A 38 19.63 -14.60 -10.67
CA ALA A 38 20.84 -14.26 -9.91
C ALA A 38 21.88 -13.66 -10.85
N LYS A 39 22.12 -14.34 -11.97
CA LYS A 39 23.02 -13.86 -13.02
C LYS A 39 22.67 -12.43 -13.46
N ASP A 40 21.39 -12.18 -13.76
CA ASP A 40 20.98 -10.84 -14.16
C ASP A 40 21.07 -9.77 -13.06
N ALA A 41 20.63 -10.13 -11.86
CA ALA A 41 20.65 -9.22 -10.71
C ALA A 41 22.08 -8.84 -10.34
N LEU A 42 22.96 -9.82 -10.24
CA LEU A 42 24.32 -9.60 -9.79
C LEU A 42 25.16 -8.91 -10.84
N GLY A 43 24.98 -9.34 -12.10
CA GLY A 43 25.64 -8.74 -13.24
C GLY A 43 25.30 -7.27 -13.34
N ALA A 44 24.03 -6.97 -13.13
CA ALA A 44 23.49 -5.61 -13.24
C ALA A 44 24.09 -4.66 -12.20
N LEU A 45 24.14 -5.15 -10.97
CA LEU A 45 24.76 -4.43 -9.88
C LEU A 45 26.22 -4.20 -10.20
N ASN A 46 26.88 -5.28 -10.60
CA ASN A 46 28.30 -5.25 -10.88
C ASN A 46 28.60 -4.26 -12.01
N ASP A 47 27.74 -4.20 -13.02
CA ASP A 47 27.82 -3.18 -14.09
C ASP A 47 27.66 -1.74 -13.62
N VAL A 48 26.72 -1.49 -12.73
CA VAL A 48 26.58 -0.18 -12.08
C VAL A 48 27.86 0.22 -11.35
N ILE A 49 28.57 -0.76 -10.80
CA ILE A 49 29.79 -0.47 -10.06
C ILE A 49 30.86 -0.04 -11.04
N LEU A 50 31.00 -0.82 -12.10
CA LEU A 50 31.94 -0.53 -13.17
C LEU A 50 31.61 0.76 -13.90
N LYS A 51 30.32 1.07 -14.00
CA LYS A 51 29.85 2.26 -14.67
C LYS A 51 30.27 3.53 -13.94
N HIS A 52 29.98 3.57 -12.63
CA HIS A 52 30.12 4.80 -11.88
C HIS A 52 31.45 4.88 -11.15
N GLY A 53 32.30 3.88 -11.33
CA GLY A 53 33.57 3.81 -10.63
C GLY A 53 33.34 3.80 -9.13
N VAL A 54 32.57 2.82 -8.66
CA VAL A 54 32.28 2.70 -7.23
C VAL A 54 33.59 2.37 -6.49
N THR A 55 34.01 3.27 -5.59
CA THR A 55 35.30 3.11 -4.91
C THR A 55 35.18 2.17 -3.72
N TYR A 56 36.32 1.81 -3.14
CA TYR A 56 36.35 0.97 -1.94
C TYR A 56 35.74 1.62 -0.70
N PRO A 57 36.03 2.91 -0.45
CA PRO A 57 35.35 3.52 0.68
C PRO A 57 33.82 3.49 0.59
N GLU A 58 33.27 3.84 -0.58
CA GLU A 58 31.85 3.75 -0.90
C GLU A 58 31.31 2.34 -0.77
N TYR A 59 32.13 1.36 -1.17
CA TYR A 59 31.79 -0.05 -0.93
C TYR A 59 31.65 -0.38 0.58
N ARG A 60 32.55 0.16 1.40
CA ARG A 60 32.44 -0.05 2.85
C ARG A 60 31.18 0.61 3.41
N VAL A 61 30.80 1.75 2.81
CA VAL A 61 29.59 2.47 3.21
C VAL A 61 28.34 1.68 2.85
N PHE A 62 28.35 1.05 1.68
CA PHE A 62 27.24 0.17 1.24
C PHE A 62 27.10 -1.10 2.08
N LYS A 63 28.22 -1.73 2.41
CA LYS A 63 28.25 -2.87 3.33
C LYS A 63 27.73 -2.51 4.74
N GLN A 64 28.17 -1.39 5.30
CA GLN A 64 27.68 -1.02 6.63
C GLN A 64 26.20 -0.71 6.64
N TRP A 65 25.75 -0.06 5.56
CA TRP A 65 24.34 0.32 5.40
C TRP A 65 23.40 -0.89 5.23
N LEU A 66 23.84 -1.93 4.54
CA LEU A 66 23.05 -3.19 4.46
C LEU A 66 22.93 -3.88 5.81
N ILE A 67 24.00 -3.83 6.61
CA ILE A 67 23.96 -4.30 8.00
C ILE A 67 22.97 -3.47 8.83
N ASP A 68 23.10 -2.13 8.77
CA ASP A 68 22.14 -1.21 9.42
C ASP A 68 20.66 -1.46 9.07
N VAL A 69 20.37 -1.57 7.77
CA VAL A 69 19.01 -1.89 7.33
C VAL A 69 18.41 -3.10 8.09
N GLY A 70 19.14 -4.21 8.15
CA GLY A 70 18.63 -5.40 8.84
C GLY A 70 18.61 -5.25 10.34
N GLU A 71 19.59 -4.53 10.88
CA GLU A 71 19.65 -4.27 12.32
C GLU A 71 18.53 -3.36 12.79
N GLY A 72 18.00 -2.53 11.88
CA GLY A 72 16.88 -1.63 12.15
C GLY A 72 15.53 -2.22 11.83
N GLY A 73 15.50 -3.48 11.40
CA GLY A 73 14.25 -4.12 10.94
C GLY A 73 13.58 -3.43 9.74
N GLU A 74 14.39 -2.86 8.84
CA GLU A 74 13.84 -2.11 7.73
C GLU A 74 13.92 -2.79 6.36
N TRP A 75 14.09 -4.11 6.34
CA TRP A 75 13.99 -4.84 5.06
C TRP A 75 12.58 -4.80 4.44
N PRO A 76 11.53 -5.07 5.23
CA PRO A 76 10.21 -4.88 4.59
C PRO A 76 9.98 -3.44 4.10
N LEU A 77 10.37 -2.47 4.91
CA LEU A 77 10.21 -1.09 4.49
C LEU A 77 10.98 -0.73 3.21
N PHE A 78 12.28 -1.05 3.18
CA PHE A 78 13.11 -0.68 2.05
C PHE A 78 12.64 -1.38 0.79
N LEU A 79 12.32 -2.66 0.94
CA LEU A 79 11.91 -3.45 -0.20
C LEU A 79 10.58 -2.95 -0.78
N ASP A 80 9.59 -2.77 0.08
CA ASP A 80 8.28 -2.29 -0.38
C ASP A 80 8.37 -0.90 -1.03
N VAL A 81 9.15 0.03 -0.43
CA VAL A 81 9.32 1.37 -1.02
C VAL A 81 10.00 1.28 -2.38
N PHE A 82 11.05 0.49 -2.51
CA PHE A 82 11.87 0.59 -3.72
C PHE A 82 11.79 -0.52 -4.76
N ILE A 83 11.15 -1.63 -4.42
CA ILE A 83 11.21 -2.86 -5.23
C ILE A 83 9.82 -3.41 -5.57
N GLU A 84 8.90 -3.37 -4.61
CA GLU A 84 7.58 -3.98 -4.77
C GLU A 84 6.70 -3.43 -5.96
N HIS A 85 6.89 -2.18 -6.37
CA HIS A 85 6.13 -1.68 -7.52
C HIS A 85 6.33 -2.54 -8.77
N SER A 86 7.56 -3.03 -8.95
CA SER A 86 7.86 -3.88 -10.10
C SER A 86 7.27 -5.27 -9.99
N VAL A 87 7.07 -5.74 -8.77
CA VAL A 87 6.47 -7.03 -8.52
C VAL A 87 4.96 -6.99 -8.82
N GLU A 88 4.33 -5.87 -8.51
CA GLU A 88 2.92 -5.69 -8.79
C GLU A 88 2.76 -5.44 -10.29
N GLU A 89 3.68 -4.67 -10.87
CA GLU A 89 3.66 -4.43 -12.31
C GLU A 89 3.68 -5.74 -13.10
N VAL A 90 4.40 -6.74 -12.58
CA VAL A 90 4.34 -8.07 -13.19
C VAL A 90 2.92 -8.63 -13.12
N LEU A 91 2.36 -8.67 -11.92
CA LEU A 91 1.00 -9.15 -11.67
C LEU A 91 -0.07 -8.36 -12.43
N ALA A 92 0.17 -7.06 -12.62
CA ALA A 92 -0.68 -6.18 -13.42
C ALA A 92 -0.99 -6.70 -14.84
N ARG A 93 0.04 -7.23 -15.53
CA ARG A 93 -0.09 -7.85 -16.86
C ARG A 93 -1.13 -8.95 -16.90
N SER A 94 -1.06 -9.86 -15.94
CA SER A 94 -1.96 -11.02 -15.89
C SER A 94 -3.37 -10.69 -15.41
N ARG A 95 -3.70 -9.40 -15.29
CA ARG A 95 -4.96 -9.00 -14.65
C ARG A 95 -5.80 -8.04 -15.48
N LYS A 96 -7.12 -8.19 -15.40
CA LYS A 96 -8.07 -7.40 -16.20
C LYS A 96 -8.95 -6.48 -15.33
N GLY A 97 -9.03 -6.78 -14.03
CA GLY A 97 -9.79 -5.97 -13.08
C GLY A 97 -9.18 -4.65 -12.63
N THR A 98 -9.71 -4.13 -11.52
CA THR A 98 -9.25 -2.89 -10.88
C THR A 98 -7.74 -2.89 -10.72
N MET A 99 -7.10 -1.78 -11.11
CA MET A 99 -5.65 -1.65 -10.99
C MET A 99 -5.18 -1.96 -9.58
N GLY A 100 -4.10 -2.71 -9.49
CA GLY A 100 -3.51 -3.03 -8.21
C GLY A 100 -2.47 -2.01 -7.85
N SER A 101 -1.97 -2.09 -6.64
CA SER A 101 -0.81 -1.32 -6.22
C SER A 101 -0.11 -2.17 -5.16
N ILE A 102 1.05 -1.75 -4.72
CA ILE A 102 1.80 -2.45 -3.70
C ILE A 102 1.01 -2.66 -2.37
N GLU A 103 1.33 -3.74 -1.67
CA GLU A 103 0.78 -3.96 -0.33
C GLU A 103 1.32 -2.94 0.68
N GLY A 104 2.62 -2.68 0.62
CA GLY A 104 3.27 -1.97 1.72
C GLY A 104 3.56 -2.91 2.90
N PRO A 105 4.24 -2.40 3.94
CA PRO A 105 4.61 -3.22 5.09
C PRO A 105 3.58 -3.24 6.23
N TYR A 106 2.49 -2.50 6.08
CA TYR A 106 1.61 -2.21 7.22
C TYR A 106 0.32 -3.00 7.26
N TYR A 107 0.25 -4.04 6.45
CA TYR A 107 -0.91 -4.90 6.38
C TYR A 107 -0.95 -5.86 7.55
N ILE A 108 -2.14 -6.07 8.10
CA ILE A 108 -2.35 -7.10 9.09
C ILE A 108 -3.63 -7.86 8.79
N GLU A 109 -3.52 -9.19 8.84
CA GLU A 109 -4.63 -10.09 8.62
C GLU A 109 -5.60 -10.11 9.80
N ASN A 110 -6.82 -10.56 9.53
CA ASN A 110 -7.89 -10.75 10.52
C ASN A 110 -8.31 -9.48 11.29
N SER A 111 -8.36 -8.35 10.60
CA SER A 111 -8.95 -7.15 11.17
C SER A 111 -10.42 -7.43 11.43
N PRO A 112 -10.95 -6.91 12.55
CA PRO A 112 -12.32 -7.24 12.95
C PRO A 112 -13.31 -6.92 11.86
N GLU A 113 -14.25 -7.84 11.64
CA GLU A 113 -15.31 -7.67 10.65
C GLU A 113 -16.30 -6.56 11.01
N LEU A 114 -16.89 -5.94 9.99
CA LEU A 114 -17.87 -4.87 10.13
C LEU A 114 -18.88 -5.03 9.00
N PRO A 115 -20.10 -4.47 9.17
CA PRO A 115 -21.12 -4.64 8.12
C PRO A 115 -20.92 -3.72 6.91
N SER A 116 -21.65 -4.02 5.83
CA SER A 116 -21.56 -3.28 4.55
C SER A 116 -21.53 -1.77 4.76
N LYS A 117 -22.48 -1.28 5.55
CA LYS A 117 -22.52 0.12 5.96
C LYS A 117 -22.02 0.17 7.38
N CYS A 118 -20.92 0.90 7.58
CA CYS A 118 -20.20 0.92 8.85
C CYS A 118 -19.38 2.20 9.00
N THR A 119 -18.78 2.35 10.17
CA THR A 119 -17.75 3.33 10.43
C THR A 119 -16.56 2.52 10.90
N LEU A 120 -15.41 2.75 10.26
CA LEU A 120 -14.13 2.23 10.73
C LEU A 120 -13.84 2.57 12.19
N PRO A 121 -13.19 1.64 12.93
CA PRO A 121 -12.81 1.89 14.31
C PRO A 121 -11.83 3.05 14.42
N MET A 122 -12.14 4.01 15.29
CA MET A 122 -11.28 5.18 15.51
C MET A 122 -11.34 5.73 16.93
N ARG A 123 -10.27 6.43 17.30
CA ARG A 123 -10.14 7.16 18.55
C ARG A 123 -11.02 8.39 18.57
N GLU A 124 -11.13 9.01 19.74
CA GLU A 124 -11.79 10.31 19.89
C GLU A 124 -11.08 11.42 19.11
N GLU A 125 -9.76 11.31 18.95
CA GLU A 125 -9.01 12.23 18.09
C GLU A 125 -9.50 12.21 16.64
N ASP A 126 -9.64 10.99 16.10
CA ASP A 126 -10.01 10.81 14.69
C ASP A 126 -11.37 11.38 14.34
N GLU A 127 -12.29 11.30 15.31
CA GLU A 127 -13.65 11.84 15.18
C GLU A 127 -13.68 13.34 14.84
N LYS A 128 -12.54 14.02 15.03
CA LYS A 128 -12.42 15.47 14.85
C LYS A 128 -12.00 15.83 13.42
N ILE A 129 -11.64 14.81 12.64
CA ILE A 129 -11.12 15.03 11.30
C ILE A 129 -12.26 14.94 10.31
N THR A 130 -12.18 15.69 9.21
CA THR A 130 -13.23 15.65 8.22
C THR A 130 -13.47 14.20 7.81
N PRO A 131 -14.73 13.73 7.87
CA PRO A 131 -15.04 12.35 7.57
C PRO A 131 -15.01 12.03 6.09
N LEU A 132 -14.63 10.80 5.78
CA LEU A 132 -14.60 10.31 4.42
C LEU A 132 -15.54 9.11 4.28
N VAL A 133 -16.53 9.27 3.40
CA VAL A 133 -17.56 8.28 3.18
C VAL A 133 -17.27 7.58 1.88
N PHE A 134 -16.88 6.32 2.00
CA PHE A 134 -16.42 5.57 0.87
C PHE A 134 -17.50 4.55 0.50
N SER A 135 -18.00 4.67 -0.72
CA SER A 135 -19.07 3.84 -1.23
C SER A 135 -18.69 3.23 -2.56
N GLY A 136 -19.31 2.08 -2.82
CA GLY A 136 -19.14 1.44 -4.10
C GLY A 136 -19.62 0.01 -4.05
N GLN A 137 -19.18 -0.76 -5.04
CA GLN A 137 -19.65 -2.11 -5.26
C GLN A 137 -18.51 -2.99 -5.74
N VAL A 138 -18.48 -4.22 -5.22
CA VAL A 138 -17.59 -5.25 -5.75
C VAL A 138 -18.31 -6.00 -6.86
N THR A 139 -17.70 -6.08 -8.04
CA THR A 139 -18.28 -6.78 -9.18
C THR A 139 -17.22 -7.59 -9.91
N ASP A 140 -17.68 -8.42 -10.85
CA ASP A 140 -16.79 -9.20 -11.71
C ASP A 140 -16.48 -8.43 -12.99
N LEU A 141 -15.86 -9.10 -13.97
CA LEU A 141 -15.42 -8.43 -15.19
C LEU A 141 -16.54 -7.93 -16.12
N ASP A 142 -17.70 -8.56 -16.04
CA ASP A 142 -18.84 -8.17 -16.85
C ASP A 142 -19.76 -7.18 -16.14
N GLY A 143 -19.53 -6.97 -14.84
CA GLY A 143 -20.24 -5.95 -14.08
C GLY A 143 -21.35 -6.51 -13.21
N ASN A 144 -21.39 -7.82 -13.09
CA ASN A 144 -22.30 -8.50 -12.18
C ASN A 144 -21.80 -8.32 -10.74
N GLY A 145 -22.69 -7.91 -9.84
CA GLY A 145 -22.34 -7.76 -8.42
C GLY A 145 -22.04 -9.10 -7.75
N LEU A 146 -21.11 -9.07 -6.80
CA LEU A 146 -20.65 -10.29 -6.12
C LEU A 146 -21.01 -10.35 -4.65
N ALA A 147 -21.80 -11.35 -4.29
CA ALA A 147 -22.16 -11.63 -2.90
C ALA A 147 -21.02 -12.28 -2.12
N GLY A 148 -20.94 -11.95 -0.82
CA GLY A 148 -19.86 -12.42 0.05
C GLY A 148 -18.49 -11.85 -0.31
N ALA A 149 -18.49 -10.63 -0.80
CA ALA A 149 -17.24 -9.95 -1.12
C ALA A 149 -16.69 -9.31 0.15
N LYS A 150 -15.37 -9.27 0.27
CA LYS A 150 -14.74 -8.66 1.45
C LYS A 150 -13.84 -7.49 1.09
N VAL A 151 -13.94 -6.43 1.87
CA VAL A 151 -13.10 -5.26 1.71
C VAL A 151 -12.26 -5.10 2.97
N GLU A 152 -11.00 -5.49 2.90
CA GLU A 152 -10.07 -5.22 3.98
C GLU A 152 -9.48 -3.86 3.71
N LEU A 153 -9.72 -2.94 4.64
CA LEU A 153 -9.26 -1.55 4.54
C LEU A 153 -8.31 -1.21 5.66
N TRP A 154 -7.13 -0.69 5.33
CA TRP A 154 -6.25 -0.13 6.35
C TRP A 154 -5.61 1.16 5.86
N HIS A 155 -5.43 2.11 6.77
CA HIS A 155 -4.73 3.35 6.47
C HIS A 155 -4.20 4.04 7.74
N ALA A 156 -3.53 5.17 7.55
CA ALA A 156 -2.91 5.90 8.65
C ALA A 156 -3.82 6.99 9.16
N ASP A 157 -3.61 7.41 10.40
CA ASP A 157 -4.38 8.51 10.96
C ASP A 157 -3.84 9.85 10.45
N ASN A 158 -4.41 10.94 10.94
CA ASN A 158 -4.03 12.26 10.52
C ASN A 158 -2.62 12.62 10.97
N ASP A 159 -2.05 11.79 11.83
CA ASP A 159 -0.68 11.96 12.31
C ASP A 159 0.26 11.06 11.50
N GLY A 160 -0.29 10.35 10.51
CA GLY A 160 0.48 9.45 9.65
C GLY A 160 1.06 8.20 10.30
N TYR A 161 0.37 7.66 11.30
CA TYR A 161 0.79 6.41 11.95
C TYR A 161 -0.22 5.28 11.72
N TYR A 162 0.29 4.05 11.67
CA TYR A 162 -0.56 2.88 11.53
C TYR A 162 -0.75 2.18 12.87
N SER A 163 -1.96 1.68 13.12
CA SER A 163 -2.20 0.86 14.29
C SER A 163 -1.37 -0.42 14.21
N GLN A 164 -0.92 -0.88 15.37
CA GLN A 164 0.01 -2.01 15.50
C GLN A 164 1.42 -1.69 15.01
N PHE A 165 1.67 -0.43 14.69
CA PHE A 165 3.00 0.04 14.29
C PHE A 165 3.23 1.35 14.98
N ALA A 166 2.48 1.54 16.06
CA ALA A 166 2.45 2.71 16.91
C ALA A 166 1.88 2.26 18.25
N PRO A 167 2.71 2.22 19.32
CA PRO A 167 2.27 1.82 20.67
C PRO A 167 0.98 2.49 21.18
N HIS A 168 0.83 3.79 20.92
CA HIS A 168 -0.27 4.60 21.50
C HIS A 168 -1.66 4.36 20.92
N LEU A 169 -1.72 3.60 19.82
CA LEU A 169 -2.96 3.41 19.08
C LEU A 169 -3.64 2.09 19.44
N PRO A 170 -4.99 2.09 19.48
CA PRO A 170 -5.79 0.86 19.55
C PRO A 170 -5.45 -0.02 18.36
N GLU A 171 -5.35 -1.34 18.60
CA GLU A 171 -4.64 -2.20 17.66
C GLU A 171 -5.32 -2.34 16.31
N TRP A 172 -6.60 -1.97 16.24
CA TRP A 172 -7.32 -2.01 14.98
C TRP A 172 -7.84 -0.64 14.53
N ASN A 173 -7.18 0.43 15.01
CA ASN A 173 -7.47 1.78 14.56
C ASN A 173 -7.34 1.81 13.02
N LEU A 174 -8.44 2.19 12.37
CA LEU A 174 -8.52 2.40 10.93
C LEU A 174 -8.13 1.15 10.14
N ARG A 175 -8.56 0.01 10.67
CA ARG A 175 -8.40 -1.30 10.05
C ARG A 175 -9.72 -2.06 10.21
N GLY A 176 -10.18 -2.71 9.16
CA GLY A 176 -11.43 -3.44 9.23
C GLY A 176 -11.63 -4.46 8.12
N THR A 177 -12.55 -5.39 8.36
CA THR A 177 -13.00 -6.29 7.32
C THR A 177 -14.48 -6.08 6.99
N ILE A 178 -14.70 -5.20 6.01
CA ILE A 178 -16.04 -4.80 5.61
C ILE A 178 -16.67 -5.91 4.79
N ILE A 179 -17.84 -6.36 5.27
CA ILE A 179 -18.64 -7.41 4.67
C ILE A 179 -19.63 -6.82 3.67
N ALA A 180 -19.27 -6.83 2.39
CA ALA A 180 -20.15 -6.29 1.32
C ALA A 180 -21.44 -7.10 1.19
N ASP A 181 -22.58 -6.42 1.11
CA ASP A 181 -23.88 -7.09 1.18
C ASP A 181 -24.17 -8.05 0.02
N GLU A 182 -25.31 -8.72 0.09
CA GLU A 182 -25.73 -9.70 -0.92
C GLU A 182 -25.54 -9.19 -2.36
N GLU A 183 -25.36 -7.87 -2.50
CA GLU A 183 -25.27 -7.23 -3.80
C GLU A 183 -23.87 -6.64 -4.11
N GLY A 184 -22.92 -6.81 -3.20
CA GLY A 184 -21.54 -6.35 -3.41
C GLY A 184 -21.25 -4.92 -2.99
N ARG A 185 -22.20 -4.33 -2.26
CA ARG A 185 -22.14 -2.91 -1.88
C ARG A 185 -21.63 -2.66 -0.46
N TYR A 186 -20.98 -1.51 -0.27
CA TYR A 186 -20.45 -1.06 1.02
C TYR A 186 -20.59 0.46 1.16
N GLU A 187 -20.84 0.93 2.37
CA GLU A 187 -20.75 2.36 2.62
C GLU A 187 -19.90 2.61 3.84
N ILE A 188 -18.61 2.86 3.61
CA ILE A 188 -17.63 2.88 4.69
C ILE A 188 -17.20 4.30 5.05
N THR A 189 -17.49 4.67 6.29
CA THR A 189 -17.20 5.98 6.82
C THR A 189 -15.92 5.88 7.61
N THR A 190 -14.94 6.70 7.22
CA THR A 190 -13.63 6.75 7.85
C THR A 190 -13.17 8.21 7.95
N ILE A 191 -11.90 8.43 8.20
CA ILE A 191 -11.36 9.77 7.99
C ILE A 191 -10.48 9.79 6.75
N GLN A 192 -10.09 10.97 6.30
CA GLN A 192 -9.15 11.05 5.18
C GLN A 192 -7.71 10.94 5.67
N PRO A 193 -6.95 9.96 5.15
CA PRO A 193 -5.58 9.70 5.59
C PRO A 193 -4.63 10.86 5.32
N ALA A 194 -3.59 10.96 6.15
CA ALA A 194 -2.54 11.96 5.98
C ALA A 194 -1.46 11.36 5.10
N PRO A 195 -0.69 12.21 4.37
CA PRO A 195 0.46 11.65 3.66
C PRO A 195 1.39 10.86 4.59
N TYR A 196 2.07 9.85 4.06
CA TYR A 196 3.00 9.08 4.86
C TYR A 196 4.45 9.48 4.66
N GLN A 197 5.15 9.63 5.78
CA GLN A 197 6.58 9.90 5.75
C GLN A 197 7.34 8.70 6.31
N ILE A 198 8.28 8.20 5.54
CA ILE A 198 9.10 7.06 5.96
C ILE A 198 10.17 7.50 6.98
N PRO A 199 10.20 6.86 8.17
CA PRO A 199 11.12 7.25 9.23
C PRO A 199 12.46 7.73 8.71
N THR A 200 12.75 9.00 8.95
CA THR A 200 13.93 9.67 8.45
C THR A 200 15.21 9.25 9.19
N ASP A 201 15.03 8.72 10.39
CA ASP A 201 16.11 8.41 11.33
CA ASP A 201 16.18 8.47 11.25
C ASP A 201 16.89 7.15 10.95
N GLY A 202 16.21 6.23 10.29
CA GLY A 202 16.80 4.94 9.94
C GLY A 202 17.60 4.95 8.65
N PRO A 203 18.07 3.77 8.21
CA PRO A 203 18.86 3.58 6.99
C PRO A 203 18.10 3.85 5.70
N THR A 204 16.79 3.60 5.69
CA THR A 204 15.99 3.93 4.50
C THR A 204 15.95 5.45 4.29
N GLY A 205 15.63 6.19 5.35
CA GLY A 205 15.70 7.65 5.35
C GLY A 205 17.10 8.22 5.18
N GLN A 206 18.12 7.49 5.66
CA GLN A 206 19.52 7.88 5.45
C GLN A 206 19.87 7.80 3.98
N PHE A 207 19.37 6.77 3.32
CA PHE A 207 19.62 6.53 1.91
C PHE A 207 19.01 7.66 1.08
N ILE A 208 17.94 8.24 1.61
CA ILE A 208 17.15 9.26 0.91
C ILE A 208 17.70 10.66 1.18
N GLU A 209 17.91 10.99 2.45
CA GLU A 209 18.51 12.27 2.84
C GLU A 209 19.84 12.51 2.13
N ALA A 210 20.63 11.45 2.03
CA ALA A 210 21.96 11.49 1.41
C ALA A 210 21.93 11.72 -0.10
N GLN A 211 20.76 11.53 -0.72
CA GLN A 211 20.60 11.88 -2.15
C GLN A 211 19.68 13.08 -2.42
N ASN A 212 19.27 13.78 -1.36
CA ASN A 212 18.33 14.91 -1.46
C ASN A 212 16.95 14.50 -1.98
N GLY A 213 16.57 13.24 -1.79
CA GLY A 213 15.22 12.81 -2.11
C GLY A 213 14.29 13.29 -1.01
N HIS A 214 13.03 12.89 -1.06
CA HIS A 214 12.06 13.22 -0.01
C HIS A 214 11.34 11.96 0.51
N PRO A 215 11.16 11.86 1.83
CA PRO A 215 10.74 10.60 2.43
C PRO A 215 9.22 10.44 2.52
N TRP A 216 8.50 10.89 1.49
CA TRP A 216 7.04 11.06 1.56
C TRP A 216 6.24 10.28 0.55
N ARG A 217 5.09 9.80 1.01
CA ARG A 217 4.09 9.15 0.18
C ARG A 217 2.85 10.02 0.16
N PRO A 218 2.12 10.05 -0.97
CA PRO A 218 0.83 10.74 -0.95
C PRO A 218 -0.12 10.06 0.04
N ALA A 219 -1.14 10.78 0.51
CA ALA A 219 -2.21 10.19 1.33
C ALA A 219 -2.90 9.05 0.58
N HIS A 220 -3.15 7.94 1.26
CA HIS A 220 -3.67 6.73 0.62
C HIS A 220 -4.48 5.76 1.49
N LEU A 221 -5.50 5.15 0.91
CA LEU A 221 -6.19 4.02 1.52
C LEU A 221 -5.61 2.73 0.99
N HIS A 222 -5.48 1.74 1.87
CA HIS A 222 -5.07 0.40 1.47
C HIS A 222 -6.27 -0.54 1.41
N LEU A 223 -6.36 -1.29 0.33
CA LEU A 223 -7.49 -2.18 0.17
C LEU A 223 -7.11 -3.54 -0.39
N ILE A 224 -7.43 -4.60 0.34
CA ILE A 224 -7.49 -5.93 -0.26
C ILE A 224 -8.96 -6.30 -0.47
N VAL A 225 -9.32 -6.60 -1.71
CA VAL A 225 -10.69 -6.91 -2.06
C VAL A 225 -10.81 -8.33 -2.61
N SER A 226 -11.67 -9.11 -1.96
CA SER A 226 -11.83 -10.52 -2.30
C SER A 226 -13.28 -10.87 -2.56
N ALA A 227 -13.51 -11.99 -3.25
CA ALA A 227 -14.85 -12.56 -3.46
C ALA A 227 -14.76 -14.08 -3.61
N PRO A 228 -15.85 -14.81 -3.26
CA PRO A 228 -15.78 -16.26 -3.40
C PRO A 228 -15.54 -16.66 -4.86
N GLY A 229 -14.41 -17.29 -5.12
CA GLY A 229 -14.07 -17.72 -6.47
C GLY A 229 -13.38 -16.67 -7.30
N LYS A 230 -12.90 -15.63 -6.63
CA LYS A 230 -12.20 -14.54 -7.33
C LYS A 230 -10.77 -14.36 -6.88
N GLU A 231 -9.93 -13.92 -7.80
CA GLU A 231 -8.56 -13.56 -7.49
C GLU A 231 -8.62 -12.20 -6.83
N SER A 232 -8.20 -12.15 -5.55
CA SER A 232 -8.21 -10.92 -4.76
C SER A 232 -7.41 -9.80 -5.42
N VAL A 233 -7.64 -8.57 -4.94
CA VAL A 233 -6.86 -7.44 -5.41
C VAL A 233 -6.36 -6.64 -4.23
N THR A 234 -5.05 -6.41 -4.23
CA THR A 234 -4.37 -5.54 -3.30
C THR A 234 -4.16 -4.27 -4.08
N THR A 235 -4.63 -3.17 -3.54
CA THR A 235 -4.61 -1.91 -4.25
C THR A 235 -4.53 -0.75 -3.26
N GLN A 236 -4.21 0.44 -3.78
CA GLN A 236 -4.25 1.66 -2.99
C GLN A 236 -5.02 2.73 -3.72
N LEU A 237 -5.66 3.61 -2.95
CA LEU A 237 -6.45 4.69 -3.49
C LEU A 237 -5.97 6.03 -2.98
N TYR A 238 -5.75 6.95 -3.91
CA TYR A 238 -5.19 8.27 -3.62
C TYR A 238 -6.25 9.39 -3.84
N PHE A 239 -5.85 10.65 -3.67
CA PHE A 239 -6.76 11.82 -3.61
C PHE A 239 -6.29 12.96 -4.48
N LYS A 240 -7.20 13.41 -5.34
CA LYS A 240 -6.88 14.33 -6.43
C LYS A 240 -6.01 15.52 -6.06
N GLY A 241 -6.48 16.34 -5.13
CA GLY A 241 -5.67 17.49 -4.68
C GLY A 241 -4.30 17.06 -4.20
N GLY A 242 -4.28 15.96 -3.44
CA GLY A 242 -3.12 15.48 -2.68
C GLY A 242 -1.70 15.84 -3.06
N GLU A 243 -0.90 16.18 -2.06
CA GLU A 243 0.51 16.42 -2.27
C GLU A 243 1.25 15.08 -2.37
N TRP A 244 2.51 15.16 -2.81
CA TRP A 244 3.33 13.98 -3.15
C TRP A 244 2.63 13.07 -4.14
N ILE A 245 1.59 13.59 -4.79
CA ILE A 245 0.79 12.77 -5.69
C ILE A 245 1.56 12.35 -6.94
N ASP A 246 2.45 13.22 -7.39
CA ASP A 246 3.20 13.03 -8.62
C ASP A 246 4.66 12.72 -8.30
N SER A 247 4.94 12.45 -7.02
CA SER A 247 6.28 12.06 -6.59
C SER A 247 6.27 11.03 -5.44
N ASP A 248 5.53 9.94 -5.61
CA ASP A 248 5.47 8.88 -4.60
C ASP A 248 6.81 8.15 -4.50
N VAL A 249 7.40 8.16 -3.30
CA VAL A 249 8.71 7.53 -3.09
C VAL A 249 8.69 6.00 -3.32
N ALA A 250 7.52 5.39 -3.17
CA ALA A 250 7.35 3.95 -3.39
C ALA A 250 6.96 3.63 -4.84
N SER A 251 6.81 4.69 -5.64
CA SER A 251 6.43 4.60 -7.05
C SER A 251 5.16 3.78 -7.25
N ALA A 252 4.21 3.91 -6.32
CA ALA A 252 3.05 3.01 -6.23
C ALA A 252 1.74 3.66 -6.71
N THR A 253 1.86 4.87 -7.22
CA THR A 253 0.70 5.66 -7.64
C THR A 253 0.34 5.38 -9.08
N LYS A 254 -0.95 5.21 -9.32
CA LYS A 254 -1.46 5.10 -10.67
C LYS A 254 -2.65 6.03 -10.80
N PRO A 255 -2.80 6.70 -11.98
CA PRO A 255 -3.85 7.69 -12.14
C PRO A 255 -5.24 7.05 -12.06
N GLU A 256 -5.32 5.76 -12.36
CA GLU A 256 -6.56 5.01 -12.28
C GLU A 256 -7.03 4.85 -10.83
N LEU A 257 -6.15 5.18 -9.88
CA LEU A 257 -6.45 5.00 -8.47
C LEU A 257 -6.59 6.32 -7.68
N ILE A 258 -6.81 7.41 -8.41
CA ILE A 258 -6.99 8.71 -7.78
C ILE A 258 -8.49 9.04 -7.64
N LEU A 259 -8.92 9.19 -6.38
CA LEU A 259 -10.28 9.54 -6.02
C LEU A 259 -10.46 11.04 -6.05
N ASP A 260 -11.62 11.47 -6.52
CA ASP A 260 -11.99 12.88 -6.52
C ASP A 260 -13.25 13.03 -5.62
N PRO A 261 -13.04 13.06 -4.29
CA PRO A 261 -14.16 13.17 -3.36
C PRO A 261 -14.84 14.54 -3.45
N LYS A 262 -16.17 14.51 -3.33
CA LYS A 262 -16.98 15.71 -3.35
C LYS A 262 -17.56 15.86 -1.95
N THR A 263 -17.70 17.11 -1.50
CA THR A 263 -18.09 17.36 -0.14
C THR A 263 -19.57 17.74 0.06
N GLY A 264 -20.14 17.11 1.09
CA GLY A 264 -21.56 17.25 1.38
C GLY A 264 -21.85 18.44 2.26
N ASP A 265 -23.15 18.70 2.45
CA ASP A 265 -23.61 19.84 3.21
C ASP A 265 -23.57 19.54 4.70
N ASP A 266 -23.34 18.27 5.03
CA ASP A 266 -22.91 17.84 6.37
C ASP A 266 -21.42 18.13 6.53
N GLY A 267 -20.79 18.53 5.43
CA GLY A 267 -19.35 18.83 5.37
C GLY A 267 -18.47 17.59 5.30
N LYS A 268 -19.07 16.44 5.00
CA LYS A 268 -18.32 15.18 4.86
C LYS A 268 -17.87 14.99 3.42
N ASN A 269 -16.77 14.26 3.24
CA ASN A 269 -16.28 13.98 1.89
C ASN A 269 -16.81 12.66 1.36
N TYR A 270 -17.38 12.70 0.15
CA TYR A 270 -18.07 11.57 -0.44
C TYR A 270 -17.42 11.11 -1.72
N VAL A 271 -17.14 9.80 -1.78
CA VAL A 271 -16.55 9.23 -2.98
C VAL A 271 -17.11 7.85 -3.22
N THR A 272 -17.25 7.52 -4.50
CA THR A 272 -17.66 6.20 -4.92
C THR A 272 -16.57 5.56 -5.79
N TYR A 273 -16.30 4.28 -5.50
CA TYR A 273 -15.32 3.51 -6.27
C TYR A 273 -15.66 2.04 -6.26
N ASN A 274 -15.70 1.46 -7.46
CA ASN A 274 -16.05 0.05 -7.58
C ASN A 274 -14.81 -0.83 -7.82
N PHE A 275 -14.88 -2.05 -7.30
CA PHE A 275 -13.83 -3.03 -7.51
C PHE A 275 -14.24 -4.09 -8.51
N VAL A 276 -13.38 -4.28 -9.50
CA VAL A 276 -13.55 -5.27 -10.55
C VAL A 276 -12.57 -6.44 -10.30
N LEU A 277 -13.09 -7.55 -9.79
CA LEU A 277 -12.26 -8.73 -9.52
C LEU A 277 -12.10 -9.66 -10.70
N ASP A 278 -10.89 -10.18 -10.86
CA ASP A 278 -10.63 -11.24 -11.84
C ASP A 278 -11.07 -12.60 -11.28
N PRO A 279 -11.29 -13.60 -12.15
CA PRO A 279 -11.68 -14.92 -11.66
C PRO A 279 -10.45 -15.62 -11.11
N ALA A 280 -10.64 -16.47 -10.09
CA ALA A 280 -9.53 -17.24 -9.54
C ALA A 280 -9.21 -18.43 -10.47
FE FE B . 0.52 2.93 3.53
CL9 4CL C . 6.48 1.18 0.80
C4 4CL C . 5.23 1.87 1.88
C5 4CL C . 5.58 2.77 2.87
C6 4CL C . 4.58 3.29 3.70
C1 4CL C . 3.26 2.91 3.50
O7 4CL C . 2.27 3.42 4.29
C2 4CL C . 2.93 2.01 2.50
C3 4CL C . 3.91 1.49 1.67
O8 4CL C . 1.64 1.66 2.30
C24 6PL D . 15.85 -8.58 -9.05
C23 6PL D . 15.66 -8.73 -7.54
C22 6PL D . 14.51 -9.70 -7.25
C21 6PL D . 14.97 -11.15 -7.28
C20 6PL D . 14.07 -12.03 -6.40
C19 6PL D . 14.32 -13.49 -6.71
C18 6PL D . 13.39 -14.39 -5.90
C17 6PL D . 13.69 -15.85 -6.18
C16 6PL D . 13.46 -16.68 -4.92
C15 6PL D . 13.28 -18.15 -5.24
C14 6PL D . 14.18 -19.02 -4.40
C13 6PL D . 13.79 -20.50 -4.48
C12 6PL D . 12.76 -20.84 -3.42
C11 6PL D . 13.16 -22.11 -2.69
O11 6PL D . 14.05 -22.83 -3.13
O3 6PL D . 12.47 -22.52 -1.46
C3 6PL D . 12.30 -21.41 -0.58
C2 6PL D . 13.31 -21.44 0.56
C1 6PL D . 12.60 -21.48 1.92
O3P 6PL D . 12.33 -22.84 2.29
P 6PL D . 12.88 -23.15 3.78
O2 6PL D . 14.15 -20.30 0.45
C31 6PL D . 15.51 -20.55 0.91
O31 6PL D . 15.70 -20.73 2.10
C32 6PL D . 16.66 -20.59 -0.06
C33 6PL D . 16.41 -19.64 -1.22
C34 6PL D . 16.70 -18.19 -0.85
C35 6PL D . 17.39 -17.45 -1.99
C36 6PL D . 16.38 -16.60 -2.75
C37 6PL D . 16.76 -15.14 -2.70
C38 6PL D . 16.90 -14.55 -4.10
C39 6PL D . 18.34 -14.11 -4.33
C40 6PL D . 18.52 -13.47 -5.70
C41 6PL D . 18.90 -12.00 -5.58
C42 6PL D . 20.42 -11.82 -5.73
C43 6PL D . 20.78 -10.34 -5.79
C44 6PL D . 21.06 -9.82 -4.39
C45 6PL D . 20.99 -8.29 -4.34
C46 6PL D . 21.23 -7.78 -2.91
C47 6PL D . 22.71 -7.71 -2.59
C48 6PL D . 23.38 -6.38 -2.34
#